data_7FBY
#
_entry.id   7FBY
#
_cell.length_a   102.790
_cell.length_b   102.790
_cell.length_c   69.183
_cell.angle_alpha   90.000
_cell.angle_beta   90.000
_cell.angle_gamma   90.000
#
_symmetry.space_group_name_H-M   'I 4 2 2'
#
loop_
_entity.id
_entity.type
_entity.pdbx_description
1 polymer 'Transcriptional regulatory protein'
2 non-polymer ISOLEUCINE
3 non-polymer 1,2-ETHANEDIOL
4 water water
#
_entity_poly.entity_id   1
_entity_poly.type   'polypeptide(L)'
_entity_poly.pdbx_seq_one_letter_code
;MITVPHSRKVELDEIDRAILRLLQEDGRMSYSEISRRINVPESTVRARVNRLVKEGVIRKFAALINPFKAGYEIVAFIAV
DAEPAKVKQVVEELAKFPEVDVLGIVTGAHDIFMQVTVKDLQELERFILEKMAKIDGIKSTETSILTSVKKWGYARVFHH
HHHH
;
_entity_poly.pdbx_strand_id   A
#
loop_
_chem_comp.id
_chem_comp.type
_chem_comp.name
_chem_comp.formula
EDO non-polymer 1,2-ETHANEDIOL 'C2 H6 O2'
#
# COMPACT_ATOMS: atom_id res chain seq x y z
N ARG A 8 -16.46 10.02 -7.79
CA ARG A 8 -15.11 9.40 -7.44
C ARG A 8 -14.51 8.64 -8.63
N LYS A 9 -15.23 7.68 -9.24
CA LYS A 9 -14.82 6.96 -10.48
C LYS A 9 -14.41 7.95 -11.57
N VAL A 10 -13.24 7.76 -12.18
CA VAL A 10 -12.76 8.52 -13.37
C VAL A 10 -13.09 7.74 -14.66
N GLU A 11 -13.67 8.39 -15.68
CA GLU A 11 -14.03 7.71 -16.96
C GLU A 11 -12.76 7.10 -17.59
N LEU A 12 -12.80 5.81 -17.92
CA LEU A 12 -11.69 5.06 -18.54
C LEU A 12 -12.22 4.40 -19.81
N ASP A 13 -11.44 4.35 -20.86
CA ASP A 13 -11.78 3.55 -22.06
C ASP A 13 -10.79 2.40 -22.22
N GLU A 14 -10.94 1.65 -23.33
CA GLU A 14 -10.17 0.42 -23.69
C GLU A 14 -8.67 0.72 -23.69
N ILE A 15 -8.27 1.83 -24.27
CA ILE A 15 -6.85 2.25 -24.35
C ILE A 15 -6.31 2.56 -22.94
N ASP A 16 -7.10 3.22 -22.08
CA ASP A 16 -6.65 3.54 -20.69
C ASP A 16 -6.35 2.24 -19.96
N ARG A 17 -7.22 1.26 -20.09
CA ARG A 17 -7.11 -0.02 -19.35
C ARG A 17 -5.87 -0.77 -19.87
N ALA A 18 -5.61 -0.67 -21.17
CA ALA A 18 -4.48 -1.35 -21.84
C ALA A 18 -3.18 -0.77 -21.28
N ILE A 19 -3.14 0.54 -21.16
CA ILE A 19 -1.98 1.29 -20.61
C ILE A 19 -1.78 0.89 -19.16
N LEU A 20 -2.87 0.80 -18.40
CA LEU A 20 -2.77 0.46 -16.95
C LEU A 20 -2.22 -0.97 -16.82
N ARG A 21 -2.67 -1.91 -17.70
CA ARG A 21 -2.18 -3.31 -17.70
C ARG A 21 -0.69 -3.30 -17.97
N LEU A 22 -0.22 -2.55 -18.97
CA LEU A 22 1.22 -2.55 -19.28
C LEU A 22 2.02 -1.92 -18.14
N LEU A 23 1.50 -0.86 -17.54
CA LEU A 23 2.23 -0.12 -16.49
C LEU A 23 2.17 -0.89 -15.15
N GLN A 24 1.34 -1.93 -15.07
CA GLN A 24 1.44 -2.88 -13.93
CA GLN A 24 1.39 -2.92 -13.96
C GLN A 24 2.43 -4.00 -14.28
N GLU A 25 2.51 -4.42 -15.55
CA GLU A 25 3.57 -5.36 -16.00
C GLU A 25 4.98 -4.82 -15.69
N ASP A 26 5.25 -3.55 -16.04
CA ASP A 26 6.54 -2.86 -15.88
C ASP A 26 6.26 -1.36 -15.65
N GLY A 27 6.42 -0.89 -14.42
CA GLY A 27 6.06 0.50 -14.05
C GLY A 27 7.02 1.46 -14.75
N ARG A 28 8.21 0.99 -15.21
CA ARG A 28 9.21 1.84 -15.90
C ARG A 28 9.11 1.71 -17.42
N MET A 29 8.06 1.05 -17.95
CA MET A 29 7.87 0.95 -19.42
C MET A 29 7.87 2.35 -20.08
N SER A 30 8.67 2.55 -21.15
CA SER A 30 8.72 3.75 -21.98
C SER A 30 7.35 3.90 -22.65
N TYR A 31 6.94 5.13 -22.97
CA TYR A 31 5.68 5.33 -23.72
C TYR A 31 5.88 4.85 -25.18
N SER A 32 7.13 4.83 -25.65
CA SER A 32 7.52 4.23 -26.97
C SER A 32 7.14 2.76 -26.94
N GLU A 33 7.48 2.05 -25.86
CA GLU A 33 7.21 0.61 -25.82
C GLU A 33 5.69 0.39 -25.73
N ILE A 34 4.98 1.18 -24.94
CA ILE A 34 3.51 1.00 -24.82
C ILE A 34 2.88 1.24 -26.19
N SER A 35 3.29 2.31 -26.83
CA SER A 35 2.84 2.70 -28.20
C SER A 35 2.93 1.53 -29.22
N ARG A 36 4.07 0.82 -29.29
CA ARG A 36 4.34 -0.35 -30.18
CA ARG A 36 4.21 -0.28 -30.29
C ARG A 36 3.43 -1.51 -29.80
N ARG A 37 3.21 -1.70 -28.49
CA ARG A 37 2.53 -2.93 -28.04
C ARG A 37 1.01 -2.77 -28.22
N ILE A 38 0.44 -1.57 -28.15
CA ILE A 38 -1.05 -1.40 -28.23
C ILE A 38 -1.44 -0.64 -29.49
N ASN A 39 -0.45 -0.35 -30.34
CA ASN A 39 -0.65 0.32 -31.65
C ASN A 39 -1.48 1.57 -31.38
N VAL A 40 -0.95 2.45 -30.52
CA VAL A 40 -1.47 3.81 -30.18
C VAL A 40 -0.29 4.77 -30.21
N PRO A 41 -0.40 6.01 -30.74
CA PRO A 41 0.73 6.97 -30.71
C PRO A 41 1.39 7.28 -29.36
N GLU A 42 2.72 7.29 -29.32
CA GLU A 42 3.51 7.63 -28.11
C GLU A 42 2.84 8.85 -27.46
N SER A 43 2.35 9.76 -28.29
CA SER A 43 1.87 11.09 -27.85
C SER A 43 0.54 10.98 -27.13
N THR A 44 -0.41 10.23 -27.67
CA THR A 44 -1.69 9.96 -26.96
C THR A 44 -1.36 9.04 -25.76
N VAL A 45 -0.35 8.17 -25.82
CA VAL A 45 0.02 7.35 -24.62
C VAL A 45 0.45 8.29 -23.50
N ARG A 46 1.39 9.17 -23.80
CA ARG A 46 1.92 10.14 -22.82
C ARG A 46 0.77 10.96 -22.25
N ALA A 47 -0.14 11.44 -23.09
CA ALA A 47 -1.21 12.36 -22.63
C ALA A 47 -2.15 11.58 -21.74
N ARG A 48 -2.44 10.33 -22.12
CA ARG A 48 -3.37 9.52 -21.32
C ARG A 48 -2.73 9.24 -19.95
N VAL A 49 -1.43 9.00 -19.87
CA VAL A 49 -0.77 8.67 -18.55
C VAL A 49 -0.79 9.92 -17.68
N ASN A 50 -0.55 11.08 -18.28
CA ASN A 50 -0.57 12.37 -17.53
C ASN A 50 -1.98 12.59 -16.97
N ARG A 51 -3.00 12.24 -17.75
CA ARG A 51 -4.38 12.41 -17.21
C ARG A 51 -4.63 11.39 -16.08
N LEU A 52 -4.16 10.15 -16.22
CA LEU A 52 -4.41 9.09 -15.18
C LEU A 52 -3.79 9.54 -13.85
N VAL A 53 -2.60 10.12 -13.91
CA VAL A 53 -1.86 10.62 -12.73
C VAL A 53 -2.62 11.83 -12.25
N LYS A 54 -2.94 12.77 -13.15
CA LYS A 54 -3.62 14.04 -12.72
C LYS A 54 -4.91 13.67 -11.99
N GLU A 55 -5.72 12.77 -12.54
CA GLU A 55 -6.99 12.32 -11.95
C GLU A 55 -6.82 11.44 -10.70
N GLY A 56 -5.61 10.96 -10.40
CA GLY A 56 -5.37 10.10 -9.22
C GLY A 56 -5.64 8.62 -9.49
N VAL A 57 -5.89 8.20 -10.72
CA VAL A 57 -6.11 6.75 -11.02
C VAL A 57 -4.78 6.07 -10.74
N ILE A 58 -3.69 6.68 -11.23
CA ILE A 58 -2.32 6.28 -10.87
C ILE A 58 -1.94 7.19 -9.73
N ARG A 59 -1.84 6.67 -8.52
CA ARG A 59 -1.36 7.42 -7.33
C ARG A 59 0.07 7.87 -7.59
N LYS A 60 0.89 6.91 -8.00
CA LYS A 60 2.28 7.09 -8.44
C LYS A 60 2.82 5.76 -8.95
N PHE A 61 4.09 5.79 -9.35
CA PHE A 61 4.89 4.60 -9.70
C PHE A 61 5.81 4.30 -8.50
N ALA A 62 6.13 3.03 -8.31
CA ALA A 62 7.01 2.55 -7.24
C ALA A 62 7.77 1.30 -7.63
N ALA A 63 8.97 1.14 -7.05
CA ALA A 63 9.62 -0.18 -6.91
C ALA A 63 8.77 -0.99 -5.90
N LEU A 64 8.40 -2.20 -6.28
CA LEU A 64 7.76 -3.19 -5.37
C LEU A 64 8.90 -4.03 -4.82
N ILE A 65 9.08 -3.93 -3.51
CA ILE A 65 10.20 -4.53 -2.76
C ILE A 65 9.73 -5.82 -2.09
N ASN A 66 10.59 -6.84 -2.11
CA ASN A 66 10.47 -8.08 -1.31
C ASN A 66 11.10 -7.78 0.04
N PRO A 67 10.26 -7.60 1.10
CA PRO A 67 10.78 -7.18 2.39
C PRO A 67 11.66 -8.27 2.99
N PHE A 68 11.34 -9.55 2.77
CA PHE A 68 12.18 -10.68 3.27
C PHE A 68 13.61 -10.57 2.71
N LYS A 69 13.74 -10.32 1.42
CA LYS A 69 15.06 -10.12 0.78
C LYS A 69 15.70 -8.83 1.27
N ALA A 70 14.94 -7.81 1.61
CA ALA A 70 15.46 -6.52 2.12
C ALA A 70 15.86 -6.62 3.59
N GLY A 71 15.72 -7.78 4.24
CA GLY A 71 16.07 -7.98 5.65
C GLY A 71 14.94 -7.71 6.63
N TYR A 72 13.71 -7.48 6.16
CA TYR A 72 12.56 -7.39 7.08
C TYR A 72 12.05 -8.83 7.26
N GLU A 73 12.09 -9.34 8.47
CA GLU A 73 11.69 -10.74 8.75
C GLU A 73 10.18 -10.80 9.03
N ILE A 74 9.56 -9.68 9.44
CA ILE A 74 8.19 -9.67 9.97
C ILE A 74 7.33 -8.79 9.06
N VAL A 75 6.45 -9.44 8.36
CA VAL A 75 5.30 -8.84 7.66
C VAL A 75 4.05 -9.39 8.34
N ALA A 76 3.23 -8.48 8.87
CA ALA A 76 2.12 -8.85 9.73
C ALA A 76 0.89 -8.05 9.38
N PHE A 77 -0.28 -8.67 9.60
CA PHE A 77 -1.56 -7.94 9.54
C PHE A 77 -2.00 -7.68 10.98
N ILE A 78 -2.33 -6.45 11.33
CA ILE A 78 -2.83 -6.10 12.68
C ILE A 78 -4.28 -5.62 12.55
N ALA A 79 -5.15 -6.29 13.26
CA ALA A 79 -6.56 -5.93 13.43
C ALA A 79 -6.67 -5.14 14.73
N VAL A 80 -7.29 -3.98 14.64
CA VAL A 80 -7.31 -3.04 15.76
C VAL A 80 -8.77 -2.85 16.14
N ASP A 81 -9.02 -2.92 17.44
CA ASP A 81 -10.34 -2.57 18.02
C ASP A 81 -10.16 -1.20 18.67
N ALA A 82 -11.03 -0.25 18.35
CA ALA A 82 -10.91 1.14 18.82
C ALA A 82 -12.25 1.64 19.36
N GLU A 83 -12.20 2.59 20.25
CA GLU A 83 -13.42 3.23 20.74
C GLU A 83 -14.10 3.78 19.49
N PRO A 84 -15.39 3.46 19.30
CA PRO A 84 -16.12 3.92 18.10
C PRO A 84 -15.95 5.41 17.75
N ALA A 85 -16.07 6.32 18.72
CA ALA A 85 -15.95 7.78 18.53
C ALA A 85 -14.52 8.20 18.17
N LYS A 86 -13.49 7.35 18.33
CA LYS A 86 -12.07 7.70 18.09
C LYS A 86 -11.49 7.01 16.83
N VAL A 87 -12.24 6.20 16.11
CA VAL A 87 -11.71 5.36 15.01
C VAL A 87 -10.99 6.25 13.99
N LYS A 88 -11.61 7.33 13.52
CA LYS A 88 -10.98 8.19 12.52
C LYS A 88 -9.67 8.79 13.05
N GLN A 89 -9.68 9.27 14.28
CA GLN A 89 -8.48 9.91 14.84
C GLN A 89 -7.39 8.83 15.00
N VAL A 90 -7.75 7.62 15.41
CA VAL A 90 -6.76 6.52 15.57
C VAL A 90 -6.11 6.27 14.20
N VAL A 91 -6.88 6.22 13.12
CA VAL A 91 -6.34 5.98 11.74
C VAL A 91 -5.38 7.11 11.35
N GLU A 92 -5.72 8.33 11.71
CA GLU A 92 -4.86 9.49 11.38
C GLU A 92 -3.49 9.29 12.08
N GLU A 93 -3.46 8.84 13.31
CA GLU A 93 -2.22 8.71 14.07
C GLU A 93 -1.46 7.52 13.50
N LEU A 94 -2.13 6.39 13.25
CA LEU A 94 -1.48 5.19 12.70
C LEU A 94 -0.79 5.50 11.36
N ALA A 95 -1.37 6.37 10.54
CA ALA A 95 -0.87 6.62 9.18
C ALA A 95 0.52 7.27 9.21
N LYS A 96 0.90 7.90 10.32
CA LYS A 96 2.20 8.61 10.41
C LYS A 96 3.36 7.64 10.59
N PHE A 97 3.14 6.39 10.99
CA PHE A 97 4.27 5.46 11.18
C PHE A 97 4.73 4.85 9.87
N PRO A 98 6.04 4.87 9.55
CA PRO A 98 6.54 4.27 8.30
C PRO A 98 6.49 2.74 8.31
N GLU A 99 6.27 2.14 9.47
CA GLU A 99 6.11 0.67 9.55
C GLU A 99 4.82 0.27 8.86
N VAL A 100 3.80 1.15 8.90
CA VAL A 100 2.43 0.87 8.36
C VAL A 100 2.41 1.01 6.84
N ASP A 101 2.17 -0.10 6.14
CA ASP A 101 2.18 -0.15 4.66
C ASP A 101 0.78 0.10 4.13
N VAL A 102 -0.23 -0.55 4.69
CA VAL A 102 -1.66 -0.52 4.25
C VAL A 102 -2.49 -0.27 5.50
N LEU A 103 -3.50 0.59 5.40
CA LEU A 103 -4.28 1.05 6.56
C LEU A 103 -5.67 1.51 6.13
N GLY A 104 -6.70 0.94 6.71
CA GLY A 104 -8.08 1.33 6.38
C GLY A 104 -9.03 0.97 7.48
N ILE A 105 -10.23 1.44 7.30
CA ILE A 105 -11.37 1.14 8.20
C ILE A 105 -12.20 0.02 7.55
N VAL A 106 -12.63 -0.93 8.35
CA VAL A 106 -13.27 -2.15 7.81
C VAL A 106 -14.57 -2.50 8.53
N THR A 107 -15.46 -3.12 7.79
CA THR A 107 -16.64 -3.82 8.36
C THR A 107 -16.20 -5.10 9.06
N GLY A 108 -17.02 -5.57 10.00
CA GLY A 108 -16.74 -6.78 10.77
C GLY A 108 -16.39 -6.56 12.22
N ALA A 109 -15.84 -7.62 12.76
CA ALA A 109 -15.43 -7.83 14.16
C ALA A 109 -14.31 -6.87 14.60
N HIS A 110 -13.54 -6.29 13.69
CA HIS A 110 -12.44 -5.30 13.95
C HIS A 110 -12.77 -3.99 13.26
N ASP A 111 -12.22 -2.88 13.72
CA ASP A 111 -12.57 -1.56 13.18
C ASP A 111 -11.56 -1.13 12.09
N ILE A 112 -10.31 -1.45 12.33
CA ILE A 112 -9.14 -0.96 11.58
C ILE A 112 -8.32 -2.16 11.20
N PHE A 113 -7.82 -2.13 9.96
CA PHE A 113 -6.97 -3.20 9.42
C PHE A 113 -5.70 -2.58 8.89
N MET A 114 -4.57 -3.19 9.22
CA MET A 114 -3.30 -2.69 8.67
C MET A 114 -2.31 -3.81 8.39
N GLN A 115 -1.37 -3.54 7.49
CA GLN A 115 -0.18 -4.36 7.27
C GLN A 115 1.00 -3.52 7.71
N VAL A 116 1.93 -4.19 8.40
CA VAL A 116 3.17 -3.58 8.90
C VAL A 116 4.34 -4.49 8.51
N THR A 117 5.49 -3.87 8.39
CA THR A 117 6.76 -4.54 8.01
CA THR A 117 6.74 -4.59 8.08
C THR A 117 7.78 -4.05 9.04
N VAL A 118 8.41 -4.95 9.81
CA VAL A 118 9.44 -4.61 10.81
C VAL A 118 10.56 -5.66 10.72
N LYS A 119 11.69 -5.39 11.33
CA LYS A 119 12.90 -6.24 11.12
C LYS A 119 12.78 -7.53 11.88
N ASP A 120 12.14 -7.54 13.03
CA ASP A 120 12.16 -8.79 13.81
C ASP A 120 11.10 -8.66 14.88
N LEU A 121 10.95 -9.71 15.67
CA LEU A 121 9.85 -9.80 16.67
C LEU A 121 9.97 -8.74 17.75
N GLN A 122 11.19 -8.39 18.17
CA GLN A 122 11.39 -7.34 19.20
C GLN A 122 10.97 -5.98 18.65
N GLU A 123 11.31 -5.62 17.39
CA GLU A 123 10.77 -4.44 16.70
C GLU A 123 9.23 -4.55 16.59
N LEU A 124 8.64 -5.72 16.32
CA LEU A 124 7.15 -5.79 16.28
C LEU A 124 6.54 -5.40 17.62
N GLU A 125 7.11 -5.94 18.72
CA GLU A 125 6.57 -5.69 20.08
C GLU A 125 6.75 -4.20 20.44
N ARG A 126 7.92 -3.62 20.13
CA ARG A 126 8.17 -2.17 20.38
C ARG A 126 7.13 -1.37 19.58
N PHE A 127 6.94 -1.69 18.31
CA PHE A 127 5.94 -0.96 17.50
C PHE A 127 4.56 -1.02 18.19
N ILE A 128 4.11 -2.21 18.57
CA ILE A 128 2.72 -2.38 19.09
C ILE A 128 2.61 -1.73 20.47
N LEU A 129 3.55 -1.99 21.37
CA LEU A 129 3.42 -1.59 22.79
C LEU A 129 4.02 -0.20 23.04
N GLU A 130 5.03 0.27 22.32
CA GLU A 130 5.60 1.59 22.68
CA GLU A 130 5.68 1.59 22.62
C GLU A 130 5.15 2.66 21.68
N LYS A 131 4.62 2.31 20.54
CA LYS A 131 4.12 3.32 19.56
C LYS A 131 2.61 3.23 19.45
N MET A 132 2.05 2.13 18.93
CA MET A 132 0.59 2.10 18.69
C MET A 132 -0.16 2.26 20.00
N ALA A 133 0.30 1.63 21.07
CA ALA A 133 -0.49 1.50 22.32
C ALA A 133 -0.65 2.86 22.98
N LYS A 134 0.18 3.82 22.66
CA LYS A 134 0.09 5.18 23.23
C LYS A 134 -0.96 5.99 22.49
N ILE A 135 -1.58 5.46 21.43
CA ILE A 135 -2.64 6.23 20.71
C ILE A 135 -3.93 6.16 21.54
N ASP A 136 -4.55 7.31 21.86
CA ASP A 136 -5.84 7.33 22.57
C ASP A 136 -6.91 6.64 21.71
N GLY A 137 -7.65 5.71 22.30
CA GLY A 137 -8.81 5.08 21.61
C GLY A 137 -8.53 3.63 21.19
N ILE A 138 -7.28 3.16 21.19
CA ILE A 138 -6.95 1.76 20.83
C ILE A 138 -7.31 0.90 22.05
N LYS A 139 -8.23 -0.01 21.90
CA LYS A 139 -8.60 -0.91 23.00
C LYS A 139 -7.85 -2.22 22.92
N SER A 140 -7.51 -2.67 21.73
CA SER A 140 -6.97 -4.04 21.53
C SER A 140 -6.36 -4.16 20.14
N THR A 141 -5.35 -5.01 20.01
CA THR A 141 -4.69 -5.35 18.72
C THR A 141 -4.60 -6.85 18.61
N GLU A 142 -4.70 -7.37 17.40
CA GLU A 142 -4.53 -8.81 17.11
C GLU A 142 -3.63 -8.92 15.91
N THR A 143 -2.43 -9.40 16.10
CA THR A 143 -1.42 -9.48 15.06
C THR A 143 -1.39 -10.88 14.47
N SER A 144 -1.47 -10.99 13.14
CA SER A 144 -1.32 -12.26 12.38
C SER A 144 -0.04 -12.10 11.57
N ILE A 145 0.96 -12.93 11.83
CA ILE A 145 2.29 -12.85 11.19
C ILE A 145 2.30 -13.76 9.95
N LEU A 146 2.71 -13.20 8.81
CA LEU A 146 2.88 -13.97 7.56
C LEU A 146 4.09 -14.92 7.74
N THR A 147 3.87 -16.18 7.53
CA THR A 147 4.94 -17.19 7.53
C THR A 147 5.44 -17.42 6.13
N SER A 148 4.59 -17.19 5.13
CA SER A 148 4.99 -17.17 3.70
C SER A 148 3.99 -16.29 2.92
N VAL A 149 4.46 -15.69 1.84
CA VAL A 149 3.65 -14.80 1.00
C VAL A 149 3.66 -15.44 -0.39
N LYS A 150 2.50 -15.72 -0.94
CA LYS A 150 2.39 -16.20 -2.34
C LYS A 150 2.27 -15.01 -3.27
N LYS A 151 1.51 -13.99 -2.90
CA LYS A 151 1.35 -12.79 -3.72
C LYS A 151 1.61 -11.58 -2.85
N TRP A 152 2.61 -10.81 -3.21
CA TRP A 152 3.08 -9.63 -2.43
C TRP A 152 2.17 -8.47 -2.77
N GLY A 153 1.97 -7.61 -1.80
CA GLY A 153 1.39 -6.29 -2.10
C GLY A 153 2.47 -5.25 -2.22
N TYR A 154 2.41 -4.24 -1.35
CA TYR A 154 3.28 -3.04 -1.40
C TYR A 154 3.85 -2.86 0.00
N ALA A 155 5.15 -2.71 0.11
CA ALA A 155 5.85 -2.52 1.39
C ALA A 155 6.57 -1.17 1.32
N ARG A 156 6.36 -0.26 2.24
CA ARG A 156 7.15 0.99 2.33
C ARG A 156 8.33 0.69 3.26
N VAL A 157 9.57 0.69 2.78
CA VAL A 157 10.72 0.11 3.52
C VAL A 157 11.88 1.14 3.62
N PHE A 158 12.75 1.01 4.61
CA PHE A 158 13.89 1.93 4.92
C PHE A 158 13.46 3.40 5.17
N HIS A 159 12.24 3.69 5.63
CA HIS A 159 11.75 5.06 5.96
C HIS A 159 11.81 5.36 7.48
N HIS A 160 12.40 4.49 8.31
CA HIS A 160 12.37 4.58 9.81
C HIS A 160 13.38 5.63 10.28
N ILE B . -16.02 -2.68 12.15
CA ILE B . -17.14 -1.73 12.55
C ILE B . -18.45 -2.37 12.08
O ILE B . -18.44 -3.38 11.40
CB ILE B . -17.01 -0.31 11.91
CG1 ILE B . -17.23 -0.32 10.40
CG2 ILE B . -15.66 0.33 12.25
CD1 ILE B . -17.27 1.06 9.70
OXT ILE B . -19.55 -1.89 12.30
C1 EDO C . 12.94 -12.10 16.16
O1 EDO C . 14.24 -12.51 16.43
C2 EDO C . 12.35 -12.82 15.04
O2 EDO C . 12.28 -12.10 13.84
C1 EDO D . 0.72 5.35 -2.39
O1 EDO D . 1.87 5.17 -1.65
C2 EDO D . 0.34 6.75 -2.60
O2 EDO D . -0.99 6.68 -3.04
#